data_8DGU
#
_entry.id   8DGU
#
_cell.length_a   40.934
_cell.length_b   70.719
_cell.length_c   76.551
_cell.angle_alpha   90.000
_cell.angle_beta   95.310
_cell.angle_gamma   90.000
#
_symmetry.space_group_name_H-M   'P 1 21 1'
#
loop_
_entity.id
_entity.type
_entity.pdbx_description
1 polymer "Spike protein S2'"
2 polymer 'Antibody CC25.106 Fab heavy chain'
3 polymer 'Antibody CC25.106 Fab light chain'
4 non-polymer GLYCEROL
5 water water
#
loop_
_entity_poly.entity_id
_entity_poly.type
_entity_poly.pdbx_seq_one_letter_code
_entity_poly.pdbx_strand_id
1 'polypeptide(L)' PLQPELDSFKEELDKYFKNHTSPDV A
2 'polypeptide(L)'
;EVQLVQSGAEVKKPGASLKVSCKASGYTFTDYYMHWVRQAPGQGLEWMGIIKPSAGNTRNAQKFQGRVTMTRDTSTSTVY
MELSALRFEDTAVYYCARGGVHGLDYWGQGTLVTVSSASTKGPSVFPLAPSSKSTSGGTAALGCLVKDYFPEPVTVSWNS
GALTSGVHTFPAVLQSSGLYSLSSVVTVPSSSLGTQTYICNVNHKPSNTKVDKRVEPKSC
;
H
3 'polypeptide(L)'
;QSVLTQPPSVSAPPGQKVTISCSGSSSNIGNNYVSWYQQLPGTAPKLLIHENNQRPSGIPDRFSGSKSGTSATLGITGLQ
TGDEADYYCGTWDTNLGAFVFGAATRVTVLGQPKANPSVTLFPPSSEELQANKATLVCLISDFYPGAVTVAWKADSSPVK
AGVETTTPSKQSNNKYAASSYLSLTPEQWKSHRSYSCQVTHEGSTVEKTVAPTECS
;
L
#
loop_
_chem_comp.id
_chem_comp.type
_chem_comp.name
_chem_comp.formula
GOL non-polymer GLYCEROL 'C3 H8 O3'
#
# COMPACT_ATOMS: atom_id res chain seq x y z
N LEU A 6 4.91 -25.88 -24.48
CA LEU A 6 3.81 -26.21 -25.37
C LEU A 6 2.54 -26.47 -24.57
N ASP A 7 1.64 -27.25 -25.17
CA ASP A 7 0.51 -27.77 -24.41
C ASP A 7 0.96 -28.77 -23.35
N SER A 8 2.18 -29.30 -23.49
CA SER A 8 2.73 -30.19 -22.47
C SER A 8 2.86 -29.48 -21.13
N PHE A 9 3.41 -28.26 -21.14
CA PHE A 9 3.47 -27.48 -19.90
C PHE A 9 2.09 -27.12 -19.41
N LYS A 10 1.18 -26.77 -20.33
CA LYS A 10 -0.21 -26.55 -19.96
C LYS A 10 -0.82 -27.83 -19.39
N GLU A 11 -0.54 -28.97 -20.01
CA GLU A 11 -1.04 -30.24 -19.48
C GLU A 11 -0.42 -30.56 -18.13
N GLU A 12 0.84 -30.18 -17.94
CA GLU A 12 1.48 -30.31 -16.63
C GLU A 12 0.74 -29.48 -15.59
N LEU A 13 0.40 -28.24 -15.94
CA LEU A 13 -0.28 -27.36 -14.99
C LEU A 13 -1.72 -27.81 -14.75
N ASP A 14 -2.40 -28.30 -15.79
CA ASP A 14 -3.75 -28.85 -15.61
C ASP A 14 -3.72 -30.01 -14.62
N LYS A 15 -2.75 -30.91 -14.78
CA LYS A 15 -2.62 -32.04 -13.86
C LYS A 15 -2.29 -31.57 -12.44
N TYR A 16 -1.43 -30.55 -12.32
CA TYR A 16 -1.03 -30.07 -11.00
C TYR A 16 -2.20 -29.46 -10.26
N PHE A 17 -2.93 -28.55 -10.91
CA PHE A 17 -4.01 -27.82 -10.25
C PHE A 17 -5.30 -28.61 -10.14
N LYS A 18 -5.41 -29.76 -10.82
CA LYS A 18 -6.66 -30.51 -10.81
C LYS A 18 -6.95 -31.07 -9.42
N ASN A 19 -8.21 -30.96 -9.01
CA ASN A 19 -8.63 -31.40 -7.69
C ASN A 19 -9.53 -32.63 -7.81
N GLU B 1 12.76 -19.71 7.13
CA GLU B 1 11.56 -19.00 6.67
C GLU B 1 11.66 -18.69 5.19
N VAL B 2 10.57 -18.95 4.47
CA VAL B 2 10.52 -18.61 3.04
C VAL B 2 10.49 -17.10 2.89
N GLN B 3 11.44 -16.57 2.13
CA GLN B 3 11.50 -15.14 1.85
C GLN B 3 11.66 -14.90 0.35
N LEU B 4 10.94 -13.90 -0.15
CA LEU B 4 11.01 -13.52 -1.56
C LEU B 4 11.28 -12.02 -1.60
N VAL B 5 12.50 -11.65 -2.01
CA VAL B 5 12.94 -10.25 -1.99
C VAL B 5 13.01 -9.76 -3.43
N GLN B 6 12.26 -8.70 -3.72
CA GLN B 6 12.16 -8.14 -5.06
C GLN B 6 13.07 -6.94 -5.21
N SER B 7 13.29 -6.55 -6.47
CA SER B 7 14.06 -5.36 -6.77
C SER B 7 13.25 -4.10 -6.45
N GLY B 8 13.95 -2.97 -6.39
CA GLY B 8 13.34 -1.73 -5.95
C GLY B 8 12.51 -1.05 -7.03
N ALA B 9 11.77 -0.03 -6.59
CA ALA B 9 10.89 0.71 -7.49
C ALA B 9 11.70 1.52 -8.49
N GLU B 10 11.11 1.75 -9.68
CA GLU B 10 11.83 2.38 -10.77
C GLU B 10 10.90 3.25 -11.59
N VAL B 11 11.49 4.18 -12.34
CA VAL B 11 10.81 4.98 -13.35
C VAL B 11 11.24 4.40 -14.69
N LYS B 12 10.29 4.22 -15.61
CA LYS B 12 10.63 3.82 -16.96
C LYS B 12 9.94 4.74 -17.94
N LYS B 13 10.62 5.07 -19.03
CA LYS B 13 10.03 5.84 -20.11
C LYS B 13 9.12 4.96 -20.96
N PRO B 14 8.12 5.53 -21.62
CA PRO B 14 7.30 4.74 -22.55
C PRO B 14 8.16 4.14 -23.64
N GLY B 15 7.86 2.89 -24.00
CA GLY B 15 8.61 2.17 -25.00
C GLY B 15 9.84 1.46 -24.49
N ALA B 16 10.26 1.73 -23.27
CA ALA B 16 11.43 1.05 -22.70
C ALA B 16 11.03 -0.32 -22.16
N SER B 17 12.00 -1.04 -21.61
CA SER B 17 11.78 -2.34 -21.02
C SER B 17 12.42 -2.38 -19.64
N LEU B 18 11.79 -3.13 -18.74
CA LEU B 18 12.27 -3.26 -17.37
C LEU B 18 12.23 -4.72 -16.94
N LYS B 19 13.24 -5.13 -16.19
CA LYS B 19 13.35 -6.48 -15.66
C LYS B 19 13.29 -6.41 -14.15
N VAL B 20 12.29 -7.07 -13.56
CA VAL B 20 12.11 -7.11 -12.11
C VAL B 20 12.66 -8.42 -11.60
N SER B 21 13.49 -8.35 -10.55
CA SER B 21 14.14 -9.51 -9.97
C SER B 21 13.40 -9.97 -8.72
N CYS B 22 13.53 -11.26 -8.42
CA CYS B 22 12.88 -11.88 -7.26
C CYS B 22 13.81 -12.97 -6.73
N LYS B 23 14.54 -12.65 -5.66
CA LYS B 23 15.47 -13.60 -5.05
C LYS B 23 14.75 -14.46 -4.03
N ALA B 24 14.81 -15.77 -4.22
CA ALA B 24 14.12 -16.73 -3.37
C ALA B 24 15.08 -17.33 -2.35
N SER B 25 14.59 -17.51 -1.13
CA SER B 25 15.42 -18.09 -0.07
C SER B 25 14.52 -18.85 0.90
N GLY B 26 15.12 -19.78 1.64
CA GLY B 26 14.42 -20.55 2.64
C GLY B 26 13.75 -21.81 2.14
N TYR B 27 13.90 -22.14 0.86
CA TYR B 27 13.27 -23.32 0.29
C TYR B 27 14.04 -23.72 -0.96
N THR B 28 13.77 -24.94 -1.43
CA THR B 28 14.45 -25.44 -2.62
C THR B 28 13.88 -24.75 -3.86
N PHE B 29 14.72 -23.98 -4.55
CA PHE B 29 14.25 -23.09 -5.60
C PHE B 29 13.59 -23.86 -6.74
N THR B 30 14.11 -25.04 -7.06
CA THR B 30 13.64 -25.82 -8.22
C THR B 30 12.47 -26.73 -7.90
N ASP B 31 11.93 -26.67 -6.69
CA ASP B 31 10.82 -27.54 -6.29
C ASP B 31 9.45 -26.89 -6.41
N TYR B 32 9.39 -25.59 -6.68
CA TYR B 32 8.12 -24.87 -6.70
C TYR B 32 8.03 -23.95 -7.92
N TYR B 33 6.82 -23.84 -8.47
CA TYR B 33 6.56 -22.86 -9.50
C TYR B 33 6.69 -21.45 -8.93
N MET B 34 6.90 -20.48 -9.82
CA MET B 34 6.92 -19.07 -9.46
C MET B 34 5.90 -18.33 -10.33
N HIS B 35 5.02 -17.57 -9.69
CA HIS B 35 4.04 -16.75 -10.38
C HIS B 35 4.43 -15.28 -10.32
N TRP B 36 3.86 -14.52 -11.24
CA TRP B 36 3.94 -13.06 -11.20
C TRP B 36 2.54 -12.48 -11.30
N VAL B 37 2.27 -11.50 -10.45
CA VAL B 37 0.96 -10.85 -10.36
C VAL B 37 1.18 -9.34 -10.34
N ARG B 38 0.34 -8.62 -11.06
CA ARG B 38 0.39 -7.17 -11.08
C ARG B 38 -0.92 -6.59 -10.57
N GLN B 39 -0.83 -5.41 -9.96
CA GLN B 39 -1.99 -4.74 -9.38
C GLN B 39 -1.86 -3.25 -9.63
N ALA B 40 -2.71 -2.70 -10.49
CA ALA B 40 -2.73 -1.27 -10.72
C ALA B 40 -3.24 -0.55 -9.48
N PRO B 41 -2.85 0.73 -9.30
CA PRO B 41 -3.32 1.49 -8.13
C PRO B 41 -4.82 1.50 -7.99
N GLY B 42 -5.33 0.98 -6.89
CA GLY B 42 -6.77 0.93 -6.67
C GLY B 42 -7.50 -0.11 -7.49
N GLN B 43 -6.78 -1.07 -8.05
CA GLN B 43 -7.37 -2.11 -8.89
C GLN B 43 -7.15 -3.48 -8.28
N GLY B 44 -7.70 -4.51 -8.93
CA GLY B 44 -7.60 -5.86 -8.44
C GLY B 44 -6.31 -6.54 -8.87
N LEU B 45 -6.15 -7.78 -8.39
CA LEU B 45 -4.99 -8.59 -8.75
C LEU B 45 -5.17 -9.18 -10.14
N GLU B 46 -4.10 -9.14 -10.93
CA GLU B 46 -4.09 -9.68 -12.29
C GLU B 46 -2.93 -10.65 -12.42
N TRP B 47 -3.25 -11.92 -12.64
CA TRP B 47 -2.23 -12.93 -12.86
C TRP B 47 -1.52 -12.68 -14.19
N MET B 48 -0.19 -12.72 -14.18
CA MET B 48 0.60 -12.47 -15.38
C MET B 48 1.16 -13.74 -16.01
N GLY B 49 1.64 -14.68 -15.21
CA GLY B 49 2.16 -15.91 -15.76
C GLY B 49 2.85 -16.74 -14.69
N ILE B 50 3.43 -17.84 -15.14
CA ILE B 50 4.05 -18.83 -14.27
C ILE B 50 5.30 -19.37 -14.95
N ILE B 51 6.33 -19.64 -14.16
CA ILE B 51 7.59 -20.18 -14.65
C ILE B 51 7.95 -21.42 -13.84
N LYS B 52 8.50 -22.43 -14.52
CA LYS B 52 9.00 -23.62 -13.84
C LYS B 52 10.50 -23.48 -13.69
N PRO B 53 11.01 -23.22 -12.49
CA PRO B 53 12.44 -22.91 -12.33
C PRO B 53 13.38 -24.05 -12.71
N SER B 54 12.91 -25.30 -12.73
CA SER B 54 13.80 -26.41 -13.03
C SER B 54 14.22 -26.40 -14.50
N ALA B 55 13.24 -26.52 -15.41
CA ALA B 55 13.54 -26.59 -16.84
C ALA B 55 13.33 -25.26 -17.55
N GLY B 56 12.77 -24.25 -16.89
CA GLY B 56 12.61 -22.94 -17.49
C GLY B 56 11.35 -22.73 -18.29
N ASN B 57 10.38 -23.64 -18.22
CA ASN B 57 9.14 -23.47 -18.96
C ASN B 57 8.35 -22.28 -18.44
N THR B 58 7.74 -21.54 -19.36
CA THR B 58 6.96 -20.36 -19.02
C THR B 58 5.60 -20.42 -19.70
N ARG B 59 4.60 -19.84 -19.03
CA ARG B 59 3.26 -19.70 -19.60
C ARG B 59 2.67 -18.39 -19.09
N ASN B 60 2.35 -17.49 -20.01
CA ASN B 60 1.86 -16.16 -19.66
C ASN B 60 0.39 -16.03 -19.96
N ALA B 61 -0.25 -15.08 -19.26
CA ALA B 61 -1.66 -14.82 -19.47
C ALA B 61 -1.90 -14.16 -20.81
N GLN B 62 -3.16 -14.17 -21.25
CA GLN B 62 -3.52 -13.62 -22.54
C GLN B 62 -3.22 -12.12 -22.62
N LYS B 63 -3.51 -11.39 -21.53
CA LYS B 63 -3.31 -9.95 -21.52
C LYS B 63 -1.83 -9.57 -21.68
N PHE B 64 -0.93 -10.39 -21.15
CA PHE B 64 0.49 -10.07 -21.10
C PHE B 64 1.35 -10.94 -21.99
N GLN B 65 0.74 -11.72 -22.89
CA GLN B 65 1.51 -12.68 -23.68
C GLN B 65 2.49 -12.00 -24.62
N GLY B 66 2.15 -10.82 -25.14
CA GLY B 66 2.98 -10.20 -26.16
C GLY B 66 4.13 -9.36 -25.64
N ARG B 67 4.23 -9.14 -24.34
CA ARG B 67 5.22 -8.20 -23.81
C ARG B 67 6.01 -8.72 -22.61
N VAL B 68 5.61 -9.84 -22.00
CA VAL B 68 6.27 -10.34 -20.79
C VAL B 68 7.17 -11.50 -21.13
N THR B 69 8.39 -11.47 -20.59
CA THR B 69 9.34 -12.56 -20.74
C THR B 69 9.92 -12.88 -19.36
N MET B 70 9.71 -14.11 -18.91
CA MET B 70 10.20 -14.55 -17.60
C MET B 70 11.38 -15.49 -17.77
N THR B 71 12.44 -15.24 -17.01
CA THR B 71 13.64 -16.07 -16.99
C THR B 71 13.94 -16.43 -15.54
N ARG B 72 15.00 -17.21 -15.35
CA ARG B 72 15.41 -17.62 -14.02
C ARG B 72 16.90 -17.94 -14.02
N ASP B 73 17.51 -17.78 -12.85
CA ASP B 73 18.92 -18.13 -12.64
C ASP B 73 18.95 -19.10 -11.46
N THR B 74 19.14 -20.39 -11.76
CA THR B 74 19.17 -21.39 -10.70
C THR B 74 20.36 -21.20 -9.77
N SER B 75 21.48 -20.70 -10.29
CA SER B 75 22.66 -20.51 -9.46
C SER B 75 22.44 -19.49 -8.36
N THR B 76 21.57 -18.51 -8.59
CA THR B 76 21.29 -17.47 -7.62
C THR B 76 19.88 -17.56 -7.04
N SER B 77 19.10 -18.57 -7.43
CA SER B 77 17.73 -18.75 -6.94
C SER B 77 16.89 -17.49 -7.18
N THR B 78 17.02 -16.92 -8.37
CA THR B 78 16.37 -15.66 -8.70
C THR B 78 15.52 -15.85 -9.95
N VAL B 79 14.29 -15.34 -9.91
CA VAL B 79 13.39 -15.32 -11.05
C VAL B 79 13.29 -13.89 -11.56
N TYR B 80 13.31 -13.73 -12.89
CA TYR B 80 13.21 -12.43 -13.51
C TYR B 80 11.93 -12.33 -14.33
N MET B 81 11.38 -11.13 -14.41
CA MET B 81 10.21 -10.84 -15.22
C MET B 81 10.49 -9.56 -15.99
N GLU B 82 10.54 -9.67 -17.31
CA GLU B 82 10.85 -8.53 -18.19
C GLU B 82 9.58 -8.09 -18.90
N LEU B 83 9.26 -6.80 -18.77
CA LEU B 83 8.11 -6.20 -19.43
C LEU B 83 8.62 -5.26 -20.52
N SER B 84 8.40 -5.63 -21.77
CA SER B 84 8.85 -4.86 -22.92
C SER B 84 7.74 -3.94 -23.42
N ALA B 85 8.16 -2.93 -24.20
CA ALA B 85 7.24 -1.94 -24.77
C ALA B 85 6.35 -1.32 -23.69
N LEU B 86 7.01 -0.82 -22.63
CA LEU B 86 6.29 -0.31 -21.48
C LEU B 86 5.41 0.86 -21.86
N ARG B 87 4.23 0.93 -21.24
CA ARG B 87 3.24 1.95 -21.53
C ARG B 87 2.74 2.55 -20.23
N PHE B 88 2.10 3.72 -20.35
CA PHE B 88 1.59 4.41 -19.16
C PHE B 88 0.65 3.50 -18.37
N GLU B 89 -0.12 2.66 -19.05
CA GLU B 89 -1.07 1.77 -18.40
C GLU B 89 -0.39 0.63 -17.65
N ASP B 90 0.92 0.45 -17.82
CA ASP B 90 1.65 -0.59 -17.11
C ASP B 90 2.08 -0.18 -15.71
N THR B 91 1.81 1.07 -15.31
CA THR B 91 2.14 1.53 -13.96
C THR B 91 1.37 0.73 -12.93
N ALA B 92 2.07 -0.06 -12.12
CA ALA B 92 1.43 -0.94 -11.16
C ALA B 92 2.50 -1.50 -10.23
N VAL B 93 2.04 -2.17 -9.17
CA VAL B 93 2.91 -2.94 -8.29
C VAL B 93 2.96 -4.37 -8.80
N TYR B 94 4.18 -4.90 -8.97
CA TYR B 94 4.40 -6.23 -9.51
C TYR B 94 4.93 -7.14 -8.41
N TYR B 95 4.29 -8.29 -8.24
CA TYR B 95 4.61 -9.25 -7.20
C TYR B 95 5.10 -10.55 -7.82
N CYS B 96 6.08 -11.18 -7.18
CA CYS B 96 6.36 -12.59 -7.42
C CYS B 96 5.74 -13.39 -6.27
N ALA B 97 5.33 -14.62 -6.58
CA ALA B 97 4.77 -15.47 -5.54
C ALA B 97 5.15 -16.92 -5.81
N ARG B 98 5.54 -17.62 -4.75
CA ARG B 98 5.86 -19.02 -4.86
C ARG B 98 4.59 -19.83 -5.10
N GLY B 99 4.69 -20.84 -5.94
CA GLY B 99 3.53 -21.63 -6.32
C GLY B 99 3.29 -22.86 -5.47
N GLY B 100 3.42 -22.72 -4.14
CA GLY B 100 3.16 -23.83 -3.26
C GLY B 100 1.68 -24.07 -3.04
N VAL B 101 1.38 -25.22 -2.43
CA VAL B 101 0.04 -25.70 -2.06
C VAL B 101 -0.99 -25.36 -3.13
N HIS B 102 -0.61 -25.48 -4.39
CA HIS B 102 -1.49 -25.28 -5.54
C HIS B 102 -2.09 -23.87 -5.58
N GLY B 103 -1.41 -22.92 -4.97
CA GLY B 103 -1.82 -21.53 -5.00
C GLY B 103 -0.60 -20.65 -4.98
N LEU B 104 -0.73 -19.49 -4.36
CA LEU B 104 0.35 -18.52 -4.22
C LEU B 104 0.57 -18.32 -2.72
N ASP B 105 1.40 -19.18 -2.12
CA ASP B 105 1.48 -19.26 -0.67
C ASP B 105 2.46 -18.28 -0.04
N TYR B 106 3.45 -17.80 -0.78
CA TYR B 106 4.35 -16.77 -0.27
C TYR B 106 4.57 -15.73 -1.35
N TRP B 107 4.51 -14.46 -0.95
CA TRP B 107 4.59 -13.34 -1.87
C TRP B 107 5.81 -12.47 -1.55
N GLY B 108 6.35 -11.85 -2.58
CA GLY B 108 7.36 -10.84 -2.39
C GLY B 108 6.75 -9.55 -1.90
N GLN B 109 7.63 -8.58 -1.59
CA GLN B 109 7.15 -7.31 -1.07
C GLN B 109 6.51 -6.45 -2.14
N GLY B 110 6.74 -6.76 -3.41
CA GLY B 110 6.18 -5.96 -4.48
C GLY B 110 7.13 -4.89 -4.96
N THR B 111 7.05 -4.60 -6.27
CA THR B 111 7.87 -3.59 -6.91
C THR B 111 6.95 -2.62 -7.64
N LEU B 112 6.94 -1.36 -7.19
CA LEU B 112 6.13 -0.33 -7.83
C LEU B 112 6.86 0.20 -9.05
N VAL B 113 6.29 -0.02 -10.22
CA VAL B 113 6.89 0.38 -11.48
C VAL B 113 6.04 1.50 -12.07
N THR B 114 6.64 2.65 -12.29
CA THR B 114 5.95 3.82 -12.84
C THR B 114 6.48 4.11 -14.23
N VAL B 115 5.57 4.25 -15.19
CA VAL B 115 5.91 4.59 -16.56
C VAL B 115 5.49 6.04 -16.80
N SER B 116 6.47 6.87 -17.13
CA SER B 116 6.21 8.30 -17.33
C SER B 116 7.34 8.90 -18.14
N SER B 117 7.03 10.00 -18.83
CA SER B 117 8.04 10.75 -19.55
C SER B 117 8.80 11.73 -18.66
N ALA B 118 8.31 11.99 -17.45
CA ALA B 118 9.02 12.83 -16.51
C ALA B 118 10.18 12.07 -15.88
N SER B 119 11.19 12.83 -15.45
CA SER B 119 12.38 12.25 -14.87
C SER B 119 12.23 12.09 -13.37
N THR B 120 13.02 11.17 -12.81
CA THR B 120 13.02 10.95 -11.37
C THR B 120 13.56 12.20 -10.66
N LYS B 121 13.10 12.40 -9.43
CA LYS B 121 13.52 13.57 -8.65
C LYS B 121 13.61 13.16 -7.19
N GLY B 122 14.78 13.38 -6.58
CA GLY B 122 14.99 13.09 -5.19
C GLY B 122 14.18 14.01 -4.30
N PRO B 123 13.88 13.54 -3.08
CA PRO B 123 13.05 14.32 -2.17
C PRO B 123 13.85 15.33 -1.38
N SER B 124 13.14 16.33 -0.87
CA SER B 124 13.68 17.33 0.05
C SER B 124 13.04 17.10 1.41
N VAL B 125 13.86 16.75 2.40
CA VAL B 125 13.39 16.39 3.72
C VAL B 125 13.59 17.57 4.67
N PHE B 126 12.50 17.99 5.33
CA PHE B 126 12.55 19.07 6.31
C PHE B 126 11.98 18.60 7.64
N PRO B 127 12.56 19.04 8.75
CA PRO B 127 12.07 18.61 10.06
C PRO B 127 10.75 19.28 10.43
N LEU B 128 9.93 18.55 11.18
CA LEU B 128 8.70 19.07 11.75
C LEU B 128 8.90 19.09 13.26
N ALA B 129 9.48 20.18 13.76
CA ALA B 129 9.84 20.27 15.16
C ALA B 129 8.59 20.31 16.03
N PRO B 130 8.60 19.65 17.19
CA PRO B 130 7.43 19.67 18.08
C PRO B 130 7.29 21.03 18.75
N SER B 131 6.14 21.67 18.56
CA SER B 131 5.86 22.95 19.18
C SER B 131 5.33 22.75 20.59
N SER B 132 5.28 23.85 21.35
CA SER B 132 4.80 23.82 22.73
C SER B 132 3.28 23.91 22.81
N LYS B 133 2.67 24.88 22.13
CA LYS B 133 1.22 25.04 22.14
C LYS B 133 0.51 23.92 21.40
N SER B 134 1.21 23.14 20.58
CA SER B 134 0.62 22.03 19.84
C SER B 134 0.68 20.71 20.60
N THR B 135 1.29 20.68 21.78
CA THR B 135 1.39 19.45 22.54
C THR B 135 0.02 19.04 23.07
N SER B 136 -0.09 17.75 23.43
CA SER B 136 -1.33 17.18 23.97
C SER B 136 -0.97 16.45 25.26
N GLY B 137 -0.96 17.18 26.37
CA GLY B 137 -0.65 16.59 27.66
C GLY B 137 0.76 16.03 27.69
N GLY B 138 0.88 14.75 28.03
CA GLY B 138 2.15 14.07 28.10
C GLY B 138 2.71 13.59 26.78
N THR B 139 2.00 13.81 25.67
CA THR B 139 2.45 13.38 24.35
C THR B 139 2.62 14.59 23.45
N ALA B 140 3.60 14.49 22.55
CA ALA B 140 3.88 15.54 21.57
C ALA B 140 4.06 14.91 20.19
N ALA B 141 3.80 15.71 19.16
CA ALA B 141 3.89 15.25 17.78
C ALA B 141 5.07 15.91 17.09
N LEU B 142 5.96 15.09 16.55
CA LEU B 142 7.07 15.57 15.74
C LEU B 142 7.21 14.65 14.54
N GLY B 143 7.80 15.17 13.47
CA GLY B 143 7.90 14.36 12.27
C GLY B 143 8.85 14.95 11.25
N CYS B 144 8.75 14.41 10.03
CA CYS B 144 9.56 14.83 8.90
C CYS B 144 8.66 15.09 7.70
N LEU B 145 8.96 16.14 6.96
CA LEU B 145 8.24 16.46 5.73
C LEU B 145 9.11 16.07 4.54
N VAL B 146 8.59 15.18 3.70
CA VAL B 146 9.28 14.69 2.52
C VAL B 146 8.59 15.32 1.31
N LYS B 147 9.24 16.30 0.70
CA LYS B 147 8.59 17.18 -0.27
C LYS B 147 9.19 17.00 -1.67
N ASP B 148 8.32 17.07 -2.68
CA ASP B 148 8.70 17.20 -4.08
C ASP B 148 9.64 16.07 -4.52
N TYR B 149 9.08 14.87 -4.54
CA TYR B 149 9.76 13.73 -5.12
C TYR B 149 8.90 13.11 -6.19
N PHE B 150 9.56 12.36 -7.08
CA PHE B 150 8.90 11.61 -8.14
C PHE B 150 9.83 10.48 -8.54
N PRO B 151 9.32 9.25 -8.71
CA PRO B 151 7.92 8.86 -8.55
C PRO B 151 7.71 8.35 -7.15
N GLU B 152 6.56 7.74 -6.92
CA GLU B 152 6.35 7.00 -5.69
C GLU B 152 7.15 5.69 -5.75
N PRO B 153 7.46 5.08 -4.58
CA PRO B 153 7.16 5.52 -3.22
C PRO B 153 8.40 5.96 -2.44
N VAL B 154 8.18 6.39 -1.21
CA VAL B 154 9.25 6.64 -0.25
C VAL B 154 8.88 5.94 1.06
N THR B 155 9.88 5.32 1.69
CA THR B 155 9.69 4.64 2.97
C THR B 155 10.36 5.46 4.06
N VAL B 156 9.66 5.65 5.17
CA VAL B 156 10.17 6.45 6.28
C VAL B 156 10.22 5.56 7.52
N SER B 157 11.39 5.49 8.14
CA SER B 157 11.58 4.82 9.43
C SER B 157 12.19 5.82 10.41
N TRP B 158 12.09 5.49 11.69
CA TRP B 158 12.58 6.36 12.75
C TRP B 158 13.62 5.61 13.58
N ASN B 159 14.78 6.23 13.76
CA ASN B 159 15.89 5.64 14.51
C ASN B 159 16.28 4.28 13.96
N SER B 160 16.33 4.18 12.63
CA SER B 160 16.72 2.94 11.94
C SER B 160 15.85 1.76 12.35
N GLY B 161 14.54 2.00 12.47
CA GLY B 161 13.60 0.96 12.81
C GLY B 161 13.47 0.67 14.29
N ALA B 162 14.22 1.37 15.15
CA ALA B 162 14.15 1.15 16.59
C ALA B 162 13.00 1.89 17.24
N LEU B 163 12.25 2.70 16.49
CA LEU B 163 11.12 3.45 17.03
C LEU B 163 9.92 3.22 16.11
N THR B 164 8.96 2.42 16.57
CA THR B 164 7.75 2.13 15.81
C THR B 164 6.47 2.49 16.53
N SER B 165 6.51 2.71 17.84
CA SER B 165 5.31 3.05 18.60
C SER B 165 4.93 4.50 18.33
N GLY B 166 3.70 4.74 17.87
CA GLY B 166 3.23 6.06 17.57
C GLY B 166 3.60 6.59 16.21
N VAL B 167 4.34 5.83 15.40
CA VAL B 167 4.76 6.29 14.08
C VAL B 167 3.58 6.18 13.12
N HIS B 168 3.32 7.27 12.39
CA HIS B 168 2.26 7.29 11.40
C HIS B 168 2.78 8.00 10.15
N THR B 169 3.04 7.24 9.10
CA THR B 169 3.50 7.79 7.82
C THR B 169 2.28 7.97 6.92
N PHE B 170 1.90 9.22 6.67
CA PHE B 170 0.70 9.52 5.90
C PHE B 170 0.91 9.24 4.42
N PRO B 171 -0.16 8.90 3.69
CA PRO B 171 -0.06 8.74 2.23
C PRO B 171 0.31 10.05 1.57
N ALA B 172 1.00 9.93 0.43
CA ALA B 172 1.49 11.10 -0.27
C ALA B 172 0.35 11.83 -0.99
N VAL B 173 0.60 13.11 -1.27
CA VAL B 173 -0.31 13.94 -2.04
C VAL B 173 0.36 14.26 -3.37
N LEU B 174 -0.41 14.19 -4.46
CA LEU B 174 0.11 14.50 -5.79
C LEU B 174 -0.17 15.97 -6.07
N GLN B 175 0.89 16.76 -6.18
CA GLN B 175 0.76 18.19 -6.42
C GLN B 175 0.47 18.47 -7.89
N SER B 176 0.05 19.70 -8.16
CA SER B 176 -0.20 20.13 -9.54
C SER B 176 1.07 20.14 -10.37
N SER B 177 2.24 20.23 -9.73
CA SER B 177 3.51 20.20 -10.44
C SER B 177 3.91 18.79 -10.89
N GLY B 178 3.10 17.78 -10.56
CA GLY B 178 3.44 16.41 -10.87
C GLY B 178 4.35 15.73 -9.87
N LEU B 179 4.59 16.34 -8.73
CA LEU B 179 5.49 15.82 -7.71
C LEU B 179 4.70 15.40 -6.48
N TYR B 180 5.25 14.43 -5.75
CA TYR B 180 4.61 13.90 -4.55
C TYR B 180 5.23 14.50 -3.29
N SER B 181 4.43 14.53 -2.23
CA SER B 181 4.90 14.97 -0.91
C SER B 181 4.10 14.24 0.14
N LEU B 182 4.77 13.85 1.23
CA LEU B 182 4.09 13.20 2.35
C LEU B 182 4.76 13.63 3.65
N SER B 183 4.17 13.18 4.76
CA SER B 183 4.68 13.48 6.09
C SER B 183 4.59 12.24 6.96
N SER B 184 5.62 12.02 7.76
CA SER B 184 5.64 10.95 8.75
C SER B 184 5.81 11.57 10.13
N VAL B 185 4.94 11.21 11.06
CA VAL B 185 4.92 11.80 12.40
C VAL B 185 4.85 10.68 13.43
N VAL B 186 5.61 10.84 14.51
CA VAL B 186 5.62 9.90 15.63
C VAL B 186 5.21 10.65 16.89
N THR B 187 4.26 10.10 17.62
CA THR B 187 3.85 10.66 18.90
C THR B 187 4.86 10.25 19.96
N VAL B 188 5.43 11.23 20.66
CA VAL B 188 6.52 10.95 21.59
C VAL B 188 6.21 11.55 22.96
N PRO B 189 6.66 10.93 24.05
CA PRO B 189 6.53 11.56 25.37
C PRO B 189 7.12 12.97 25.37
N SER B 190 6.32 13.92 25.85
CA SER B 190 6.73 15.33 25.78
C SER B 190 7.87 15.66 26.72
N SER B 191 8.16 14.80 27.70
CA SER B 191 9.24 15.05 28.66
C SER B 191 10.59 14.50 28.19
N SER B 192 10.60 13.58 27.23
CA SER B 192 11.84 12.99 26.73
C SER B 192 12.32 13.66 25.45
N LEU B 193 11.81 14.85 25.13
CA LEU B 193 12.24 15.55 23.93
C LEU B 193 13.71 15.93 23.99
N GLY B 194 14.18 16.36 25.17
CA GLY B 194 15.56 16.79 25.30
C GLY B 194 16.56 15.66 25.35
N THR B 195 16.14 14.47 25.77
CA THR B 195 17.06 13.35 25.92
C THR B 195 17.09 12.45 24.70
N GLN B 196 15.93 12.04 24.21
CA GLN B 196 15.86 11.10 23.10
C GLN B 196 16.24 11.77 21.79
N THR B 197 17.04 11.07 20.99
CA THR B 197 17.40 11.54 19.66
C THR B 197 16.42 10.97 18.65
N TYR B 198 15.92 11.82 17.76
CA TYR B 198 14.88 11.44 16.80
C TYR B 198 15.40 11.69 15.39
N ILE B 199 15.62 10.61 14.64
CA ILE B 199 16.11 10.66 13.27
C ILE B 199 15.08 9.95 12.39
N CYS B 200 14.66 10.62 11.31
CA CYS B 200 13.80 10.01 10.32
C CYS B 200 14.65 9.52 9.15
N ASN B 201 14.48 8.24 8.80
CA ASN B 201 15.24 7.62 7.71
C ASN B 201 14.33 7.53 6.49
N VAL B 202 14.57 8.43 5.53
CA VAL B 202 13.77 8.49 4.31
C VAL B 202 14.54 7.75 3.21
N ASN B 203 13.84 6.87 2.50
CA ASN B 203 14.44 6.10 1.41
C ASN B 203 13.59 6.30 0.16
N HIS B 204 14.23 6.75 -0.91
CA HIS B 204 13.61 6.91 -2.23
C HIS B 204 14.41 6.06 -3.21
N LYS B 205 14.03 4.79 -3.33
CA LYS B 205 14.76 3.87 -4.20
C LYS B 205 14.80 4.33 -5.67
N PRO B 206 13.73 4.86 -6.27
CA PRO B 206 13.83 5.27 -7.68
C PRO B 206 14.94 6.26 -7.95
N SER B 207 15.25 7.15 -7.01
CA SER B 207 16.38 8.06 -7.15
C SER B 207 17.64 7.53 -6.48
N ASN B 208 17.58 6.35 -5.87
CA ASN B 208 18.72 5.78 -5.13
C ASN B 208 19.23 6.75 -4.08
N THR B 209 18.30 7.33 -3.32
CA THR B 209 18.61 8.33 -2.31
C THR B 209 18.10 7.87 -0.95
N LYS B 210 18.94 7.99 0.07
CA LYS B 210 18.54 7.79 1.45
C LYS B 210 18.95 9.02 2.26
N VAL B 211 18.02 9.56 3.03
CA VAL B 211 18.25 10.75 3.84
C VAL B 211 17.90 10.43 5.28
N ASP B 212 18.84 10.66 6.20
CA ASP B 212 18.61 10.55 7.63
C ASP B 212 18.64 11.96 8.21
N LYS B 213 17.45 12.53 8.42
CA LYS B 213 17.32 13.90 8.90
C LYS B 213 17.00 13.89 10.40
N ARG B 214 17.70 14.74 11.14
CA ARG B 214 17.61 14.79 12.59
C ARG B 214 16.64 15.89 13.00
N VAL B 215 15.64 15.53 13.80
CA VAL B 215 14.57 16.45 14.17
C VAL B 215 14.85 16.93 15.59
N GLU B 216 15.09 18.24 15.75
CA GLU B 216 15.37 18.89 17.03
C GLU B 216 14.12 19.51 17.63
N PRO B 217 14.10 19.65 18.96
CA PRO B 217 13.07 20.47 19.60
C PRO B 217 13.15 21.90 19.11
N LYS B 218 11.99 22.53 18.97
CA LYS B 218 11.93 23.90 18.51
C LYS B 218 12.28 24.88 19.63
N GLN C 1 -11.65 -12.86 -12.53
CA GLN C 1 -12.01 -11.45 -12.68
C GLN C 1 -13.29 -11.33 -13.50
N SER C 2 -13.32 -12.04 -14.63
CA SER C 2 -14.54 -12.24 -15.40
C SER C 2 -15.06 -13.67 -15.32
N VAL C 3 -14.15 -14.66 -15.30
CA VAL C 3 -14.57 -16.04 -15.14
C VAL C 3 -14.93 -16.34 -13.69
N LEU C 4 -14.36 -15.60 -12.74
CA LEU C 4 -14.66 -15.76 -11.32
C LEU C 4 -15.43 -14.54 -10.85
N THR C 5 -16.61 -14.77 -10.27
CA THR C 5 -17.50 -13.70 -9.86
C THR C 5 -17.56 -13.64 -8.34
N GLN C 6 -17.11 -12.52 -7.78
CA GLN C 6 -17.19 -12.24 -6.34
C GLN C 6 -18.07 -11.03 -6.09
N PRO C 7 -18.74 -10.97 -4.94
CA PRO C 7 -19.49 -9.76 -4.60
C PRO C 7 -18.55 -8.61 -4.34
N PRO C 8 -18.94 -7.38 -4.69
CA PRO C 8 -18.04 -6.23 -4.45
C PRO C 8 -17.83 -5.91 -2.98
N SER C 9 -18.79 -6.24 -2.12
CA SER C 9 -18.67 -5.86 -0.71
C SER C 9 -19.55 -6.77 0.14
N VAL C 10 -19.07 -7.07 1.34
CA VAL C 10 -19.83 -7.80 2.35
C VAL C 10 -19.68 -7.05 3.67
N SER C 11 -20.70 -7.14 4.51
CA SER C 11 -20.71 -6.38 5.75
C SER C 11 -21.41 -7.17 6.84
N ALA C 12 -21.01 -6.91 8.08
CA ALA C 12 -21.63 -7.55 9.25
C ALA C 12 -21.25 -6.76 10.49
N PRO C 13 -22.11 -6.72 11.50
CA PRO C 13 -21.77 -6.02 12.74
C PRO C 13 -20.66 -6.75 13.47
N PRO C 14 -19.97 -6.08 14.41
CA PRO C 14 -18.85 -6.74 15.11
C PRO C 14 -19.31 -7.99 15.84
N GLY C 15 -18.52 -9.06 15.68
CA GLY C 15 -18.81 -10.32 16.33
C GLY C 15 -19.68 -11.28 15.55
N GLN C 16 -20.23 -10.85 14.41
CA GLN C 16 -21.10 -11.71 13.62
C GLN C 16 -20.30 -12.43 12.53
N LYS C 17 -21.00 -13.25 11.75
CA LYS C 17 -20.39 -14.03 10.68
C LYS C 17 -20.68 -13.39 9.33
N VAL C 18 -19.65 -13.35 8.48
CA VAL C 18 -19.79 -12.86 7.11
C VAL C 18 -19.42 -14.01 6.17
N THR C 19 -19.97 -13.95 4.96
CA THR C 19 -19.77 -15.01 3.97
C THR C 19 -19.48 -14.39 2.62
N ILE C 20 -18.39 -14.83 1.98
CA ILE C 20 -18.02 -14.38 0.65
C ILE C 20 -18.07 -15.58 -0.28
N SER C 21 -18.88 -15.48 -1.34
CA SER C 21 -19.01 -16.55 -2.32
C SER C 21 -18.19 -16.21 -3.57
N CYS C 22 -17.62 -17.26 -4.17
CA CYS C 22 -16.82 -17.12 -5.38
C CYS C 22 -17.36 -18.12 -6.39
N SER C 23 -18.06 -17.62 -7.41
CA SER C 23 -18.77 -18.46 -8.36
C SER C 23 -17.97 -18.58 -9.65
N GLY C 24 -17.87 -19.80 -10.17
CA GLY C 24 -17.15 -20.05 -11.40
C GLY C 24 -17.83 -21.10 -12.27
N SER C 25 -17.05 -22.05 -12.77
CA SER C 25 -17.57 -23.09 -13.65
C SER C 25 -16.79 -24.38 -13.41
N SER C 26 -17.15 -25.42 -14.17
CA SER C 26 -16.43 -26.68 -14.08
C SER C 26 -15.01 -26.58 -14.59
N SER C 27 -14.71 -25.59 -15.42
CA SER C 27 -13.36 -25.45 -15.95
C SER C 27 -12.39 -24.93 -14.89
N ASN C 28 -12.86 -24.12 -13.93
CA ASN C 28 -11.96 -23.54 -12.94
C ASN C 28 -12.25 -24.03 -11.54
N ILE C 29 -13.46 -23.81 -11.01
CA ILE C 29 -13.70 -24.15 -9.61
C ILE C 29 -14.17 -25.58 -9.47
N GLY C 30 -14.97 -26.06 -10.42
CA GLY C 30 -15.50 -27.41 -10.35
C GLY C 30 -14.46 -28.50 -10.50
N ASN C 31 -13.22 -28.16 -10.89
CA ASN C 31 -12.21 -29.19 -11.11
C ASN C 31 -10.82 -28.82 -10.61
N ASN C 32 -10.62 -27.67 -9.97
CA ASN C 32 -9.30 -27.25 -9.55
C ASN C 32 -9.33 -26.72 -8.12
N TYR C 33 -8.15 -26.71 -7.50
CA TYR C 33 -8.03 -26.22 -6.13
C TYR C 33 -8.31 -24.72 -6.07
N VAL C 34 -9.01 -24.31 -5.02
CA VAL C 34 -9.38 -22.91 -4.82
C VAL C 34 -8.57 -22.36 -3.63
N SER C 35 -8.05 -21.15 -3.80
CA SER C 35 -7.32 -20.47 -2.74
C SER C 35 -7.92 -19.09 -2.53
N TRP C 36 -7.80 -18.59 -1.29
CA TRP C 36 -8.27 -17.26 -0.93
C TRP C 36 -7.10 -16.42 -0.43
N TYR C 37 -7.18 -15.12 -0.69
CA TYR C 37 -6.09 -14.21 -0.36
C TYR C 37 -6.65 -12.96 0.32
N GLN C 38 -5.90 -12.46 1.30
CA GLN C 38 -6.27 -11.28 2.07
C GLN C 38 -5.29 -10.16 1.78
N GLN C 39 -5.79 -8.96 1.54
CA GLN C 39 -4.95 -7.78 1.32
C GLN C 39 -5.40 -6.68 2.28
N LEU C 40 -4.67 -6.56 3.40
CA LEU C 40 -4.90 -5.47 4.33
C LEU C 40 -4.53 -4.15 3.65
N PRO C 41 -5.13 -3.03 4.09
CA PRO C 41 -4.85 -1.75 3.42
C PRO C 41 -3.39 -1.35 3.59
N GLY C 42 -2.73 -1.11 2.46
CA GLY C 42 -1.33 -0.74 2.45
C GLY C 42 -0.36 -1.90 2.56
N THR C 43 -0.83 -3.14 2.40
CA THR C 43 0.01 -4.31 2.54
C THR C 43 -0.09 -5.17 1.28
N ALA C 44 0.84 -6.12 1.15
CA ALA C 44 0.85 -7.08 0.07
C ALA C 44 -0.18 -8.18 0.33
N PRO C 45 -0.68 -8.82 -0.73
CA PRO C 45 -1.60 -9.95 -0.52
C PRO C 45 -0.93 -11.11 0.19
N LYS C 46 -1.72 -11.85 0.95
CA LYS C 46 -1.23 -13.01 1.68
C LYS C 46 -2.23 -14.15 1.53
N LEU C 47 -1.71 -15.38 1.58
CA LEU C 47 -2.57 -16.55 1.44
C LEU C 47 -3.39 -16.77 2.71
N LEU C 48 -4.70 -16.87 2.54
CA LEU C 48 -5.63 -17.12 3.64
C LEU C 48 -6.09 -18.57 3.70
N ILE C 49 -6.47 -19.13 2.56
CA ILE C 49 -6.94 -20.50 2.45
C ILE C 49 -6.31 -21.12 1.22
N HIS C 50 -5.89 -22.38 1.33
CA HIS C 50 -5.40 -23.13 0.19
C HIS C 50 -6.05 -24.51 0.17
N GLU C 51 -6.16 -25.08 -1.03
CA GLU C 51 -6.75 -26.41 -1.23
C GLU C 51 -8.17 -26.48 -0.66
N ASN C 52 -8.91 -25.39 -0.87
CA ASN C 52 -10.34 -25.20 -0.67
C ASN C 52 -10.76 -25.11 0.79
N ASN C 53 -9.94 -25.63 1.72
CA ASN C 53 -10.34 -25.60 3.13
C ASN C 53 -9.18 -25.58 4.11
N GLN C 54 -7.93 -25.53 3.66
CA GLN C 54 -6.78 -25.63 4.55
C GLN C 54 -6.25 -24.24 4.88
N ARG C 55 -5.87 -24.05 6.14
CA ARG C 55 -5.36 -22.77 6.61
C ARG C 55 -3.87 -22.87 6.87
N PRO C 56 -3.06 -21.95 6.32
CA PRO C 56 -1.66 -21.88 6.71
C PRO C 56 -1.53 -21.36 8.14
N SER C 57 -0.35 -21.59 8.71
CA SER C 57 -0.09 -21.15 10.08
C SER C 57 -0.13 -19.63 10.17
N GLY C 58 -0.63 -19.14 11.30
CA GLY C 58 -0.79 -17.72 11.52
C GLY C 58 -2.17 -17.18 11.15
N ILE C 59 -3.00 -17.96 10.47
CA ILE C 59 -4.35 -17.56 10.12
C ILE C 59 -5.27 -17.96 11.27
N PRO C 60 -6.04 -17.04 11.85
CA PRO C 60 -6.97 -17.42 12.90
C PRO C 60 -8.00 -18.43 12.40
N ASP C 61 -8.43 -19.31 13.30
CA ASP C 61 -9.43 -20.31 12.94
C ASP C 61 -10.79 -19.71 12.64
N ARG C 62 -11.00 -18.41 12.92
CA ARG C 62 -12.23 -17.74 12.53
C ARG C 62 -12.43 -17.72 11.03
N PHE C 63 -11.35 -17.91 10.26
CA PHE C 63 -11.44 -17.97 8.80
C PHE C 63 -11.67 -19.41 8.38
N SER C 64 -12.62 -19.62 7.46
CA SER C 64 -12.93 -20.95 6.99
C SER C 64 -13.29 -20.89 5.51
N GLY C 65 -12.88 -21.91 4.77
CA GLY C 65 -13.20 -22.00 3.37
C GLY C 65 -13.75 -23.37 3.02
N SER C 66 -14.56 -23.39 1.96
CA SER C 66 -15.15 -24.64 1.49
C SER C 66 -15.53 -24.48 0.02
N LYS C 67 -15.74 -25.61 -0.63
CA LYS C 67 -16.14 -25.64 -2.03
C LYS C 67 -17.30 -26.59 -2.22
N SER C 68 -18.28 -26.16 -3.02
CA SER C 68 -19.45 -26.99 -3.35
C SER C 68 -19.76 -26.79 -4.83
N GLY C 69 -19.59 -27.85 -5.61
CA GLY C 69 -19.88 -27.76 -7.04
C GLY C 69 -18.95 -26.79 -7.72
N THR C 70 -19.52 -25.77 -8.37
CA THR C 70 -18.77 -24.76 -9.10
C THR C 70 -18.67 -23.45 -8.34
N SER C 71 -18.71 -23.49 -7.01
CA SER C 71 -18.64 -22.29 -6.20
C SER C 71 -17.81 -22.57 -4.95
N ALA C 72 -17.10 -21.53 -4.49
CA ALA C 72 -16.32 -21.58 -3.27
C ALA C 72 -16.80 -20.49 -2.33
N THR C 73 -16.66 -20.74 -1.03
CA THR C 73 -17.18 -19.82 -0.02
C THR C 73 -16.14 -19.62 1.07
N LEU C 74 -15.90 -18.36 1.43
CA LEU C 74 -15.04 -17.99 2.54
C LEU C 74 -15.89 -17.49 3.70
N GLY C 75 -15.68 -18.04 4.88
CA GLY C 75 -16.44 -17.66 6.07
C GLY C 75 -15.54 -17.04 7.11
N ILE C 76 -16.04 -15.98 7.75
CA ILE C 76 -15.32 -15.26 8.79
C ILE C 76 -16.23 -15.15 10.01
N THR C 77 -15.92 -15.91 11.05
CA THR C 77 -16.67 -15.86 12.30
C THR C 77 -16.05 -14.82 13.23
N GLY C 78 -16.89 -14.30 14.14
CA GLY C 78 -16.45 -13.30 15.08
C GLY C 78 -15.76 -12.13 14.42
N LEU C 79 -16.48 -11.46 13.52
CA LEU C 79 -15.89 -10.40 12.71
C LEU C 79 -15.38 -9.28 13.59
N GLN C 80 -14.08 -9.02 13.51
CA GLN C 80 -13.44 -7.92 14.21
C GLN C 80 -13.05 -6.85 13.20
N THR C 81 -12.67 -5.68 13.74
CA THR C 81 -12.26 -4.58 12.89
C THR C 81 -10.98 -4.89 12.13
N GLY C 82 -10.16 -5.80 12.66
CA GLY C 82 -8.92 -6.16 11.99
C GLY C 82 -9.09 -7.02 10.75
N ASP C 83 -10.31 -7.47 10.46
CA ASP C 83 -10.59 -8.25 9.27
C ASP C 83 -11.01 -7.41 8.08
N GLU C 84 -11.13 -6.09 8.24
CA GLU C 84 -11.52 -5.21 7.14
C GLU C 84 -10.40 -5.15 6.11
N ALA C 85 -10.62 -5.76 4.96
CA ALA C 85 -9.60 -5.83 3.91
C ALA C 85 -10.29 -6.25 2.61
N ASP C 86 -9.49 -6.39 1.56
CA ASP C 86 -9.94 -6.92 0.28
C ASP C 86 -9.59 -8.40 0.21
N TYR C 87 -10.56 -9.21 -0.19
CA TYR C 87 -10.41 -10.66 -0.23
C TYR C 87 -10.56 -11.14 -1.66
N TYR C 88 -9.65 -11.99 -2.11
CA TYR C 88 -9.59 -12.44 -3.48
C TYR C 88 -9.73 -13.95 -3.55
N CYS C 89 -10.60 -14.42 -4.43
CA CYS C 89 -10.70 -15.84 -4.76
C CYS C 89 -9.80 -16.16 -5.94
N GLY C 90 -9.11 -17.29 -5.87
CA GLY C 90 -8.20 -17.67 -6.94
C GLY C 90 -8.18 -19.14 -7.24
N THR C 91 -8.05 -19.50 -8.51
CA THR C 91 -7.96 -20.89 -8.93
C THR C 91 -7.41 -20.94 -10.36
N TRP C 92 -7.25 -22.16 -10.86
CA TRP C 92 -6.75 -22.40 -12.21
C TRP C 92 -7.90 -22.72 -13.15
N ASP C 93 -7.87 -22.13 -14.34
CA ASP C 93 -8.89 -22.35 -15.36
C ASP C 93 -8.29 -23.20 -16.47
N THR C 94 -8.83 -24.40 -16.66
CA THR C 94 -8.27 -25.31 -17.65
C THR C 94 -8.59 -24.88 -19.07
N ASN C 95 -9.70 -24.18 -19.28
CA ASN C 95 -10.03 -23.70 -20.62
C ASN C 95 -9.01 -22.67 -21.10
N LEU C 96 -8.71 -21.67 -20.25
CA LEU C 96 -7.72 -20.66 -20.60
C LEU C 96 -6.29 -21.12 -20.35
N GLY C 97 -6.09 -22.09 -19.47
CA GLY C 97 -4.74 -22.44 -19.06
C GLY C 97 -4.09 -21.29 -18.31
N ALA C 98 -4.80 -20.74 -17.33
CA ALA C 98 -4.32 -19.57 -16.61
C ALA C 98 -4.88 -19.58 -15.20
N PHE C 99 -4.10 -19.06 -14.27
CA PHE C 99 -4.59 -18.78 -12.92
C PHE C 99 -5.42 -17.50 -12.96
N VAL C 100 -6.58 -17.52 -12.32
CA VAL C 100 -7.53 -16.43 -12.39
C VAL C 100 -7.91 -15.99 -10.99
N PHE C 101 -7.95 -14.67 -10.78
CA PHE C 101 -8.41 -14.08 -9.54
C PHE C 101 -9.79 -13.49 -9.76
N GLY C 102 -10.64 -13.60 -8.73
CA GLY C 102 -11.90 -12.87 -8.76
C GLY C 102 -11.68 -11.40 -8.47
N ALA C 103 -12.74 -10.62 -8.67
CA ALA C 103 -12.71 -9.22 -8.29
C ALA C 103 -12.71 -9.09 -6.77
N ALA C 104 -12.15 -7.98 -6.29
CA ALA C 104 -11.96 -7.80 -4.85
C ALA C 104 -13.31 -7.73 -4.14
N THR C 105 -13.37 -8.37 -2.97
CA THR C 105 -14.51 -8.27 -2.06
C THR C 105 -14.04 -7.55 -0.79
N ARG C 106 -14.59 -6.36 -0.55
CA ARG C 106 -14.22 -5.57 0.61
C ARG C 106 -15.10 -5.92 1.79
N VAL C 107 -14.48 -6.27 2.90
CA VAL C 107 -15.19 -6.57 4.14
C VAL C 107 -15.24 -5.31 5.00
N THR C 108 -16.45 -4.92 5.41
CA THR C 108 -16.67 -3.74 6.23
C THR C 108 -17.46 -4.15 7.46
N VAL C 109 -17.05 -3.66 8.62
CA VAL C 109 -17.75 -3.91 9.87
C VAL C 109 -18.59 -2.69 10.20
N LEU C 110 -19.91 -2.89 10.33
CA LEU C 110 -20.80 -1.81 10.69
C LEU C 110 -20.75 -1.54 12.19
N GLY C 111 -21.46 -0.49 12.62
CA GLY C 111 -21.54 -0.18 14.03
C GLY C 111 -20.23 0.18 14.69
N GLN C 112 -19.25 0.66 13.92
CA GLN C 112 -17.99 1.05 14.51
C GLN C 112 -18.17 2.35 15.28
N PRO C 113 -17.49 2.50 16.43
CA PRO C 113 -17.66 3.72 17.24
C PRO C 113 -17.22 4.96 16.46
N LYS C 114 -17.93 6.06 16.67
CA LYS C 114 -17.56 7.32 16.05
C LYS C 114 -16.27 7.85 16.69
N ALA C 115 -15.36 8.32 15.85
CA ALA C 115 -14.08 8.85 16.29
C ALA C 115 -13.97 10.30 15.84
N ASN C 116 -13.89 11.22 16.79
CA ASN C 116 -13.66 12.62 16.44
C ASN C 116 -12.22 12.81 16.00
N PRO C 117 -11.99 13.57 14.91
CA PRO C 117 -10.63 13.68 14.37
C PRO C 117 -9.69 14.43 15.29
N SER C 118 -8.42 14.02 15.26
CA SER C 118 -7.34 14.72 15.93
C SER C 118 -6.56 15.53 14.89
N VAL C 119 -6.41 16.82 15.15
CA VAL C 119 -5.80 17.75 14.20
C VAL C 119 -4.47 18.23 14.77
N THR C 120 -3.41 18.06 13.97
CA THR C 120 -2.08 18.55 14.34
C THR C 120 -1.55 19.38 13.17
N LEU C 121 -1.23 20.64 13.44
CA LEU C 121 -0.82 21.59 12.43
C LEU C 121 0.62 22.02 12.69
N PHE C 122 1.47 21.89 11.66
CA PHE C 122 2.87 22.25 11.76
C PHE C 122 3.15 23.51 10.96
N PRO C 123 3.82 24.50 11.54
CA PRO C 123 4.23 25.68 10.77
C PRO C 123 5.40 25.34 9.87
N PRO C 124 5.74 26.21 8.91
CA PRO C 124 6.92 25.96 8.09
C PRO C 124 8.18 25.88 8.95
N SER C 125 9.04 24.94 8.60
CA SER C 125 10.29 24.78 9.34
C SER C 125 11.25 25.91 9.00
N SER C 126 12.19 26.16 9.91
CA SER C 126 13.23 27.14 9.62
C SER C 126 14.07 26.72 8.44
N GLU C 127 14.34 25.42 8.31
CA GLU C 127 15.13 24.93 7.18
C GLU C 127 14.45 25.23 5.85
N GLU C 128 13.13 25.05 5.78
CA GLU C 128 12.40 25.34 4.55
C GLU C 128 12.38 26.83 4.25
N LEU C 129 12.20 27.66 5.28
CA LEU C 129 12.17 29.10 5.07
C LEU C 129 13.53 29.62 4.59
N GLN C 130 14.62 29.07 5.14
CA GLN C 130 15.95 29.39 4.62
C GLN C 130 16.14 28.87 3.20
N ALA C 131 15.28 27.97 2.73
CA ALA C 131 15.35 27.43 1.38
C ALA C 131 14.33 28.07 0.45
N ASN C 132 13.88 29.28 0.76
CA ASN C 132 13.00 30.07 -0.11
C ASN C 132 11.67 29.38 -0.33
N LYS C 133 11.20 28.60 0.65
CA LYS C 133 9.93 27.91 0.54
C LYS C 133 9.24 27.89 1.90
N ALA C 134 7.94 27.59 1.87
CA ALA C 134 7.14 27.52 3.09
C ALA C 134 5.94 26.62 2.83
N THR C 135 5.70 25.67 3.74
CA THR C 135 4.59 24.74 3.61
C THR C 135 3.95 24.52 4.97
N LEU C 136 2.63 24.61 5.03
CA LEU C 136 1.87 24.33 6.24
C LEU C 136 1.33 22.91 6.15
N VAL C 137 1.60 22.10 7.17
CA VAL C 137 1.24 20.69 7.19
C VAL C 137 0.14 20.49 8.22
N CYS C 138 -1.05 20.13 7.75
CA CYS C 138 -2.18 19.83 8.61
C CYS C 138 -2.48 18.34 8.52
N LEU C 139 -2.36 17.64 9.64
CA LEU C 139 -2.51 16.20 9.70
C LEU C 139 -3.75 15.83 10.50
N ILE C 140 -4.64 15.07 9.88
CA ILE C 140 -5.89 14.64 10.50
C ILE C 140 -5.85 13.12 10.61
N SER C 141 -6.14 12.60 11.80
CA SER C 141 -6.02 11.17 12.03
C SER C 141 -7.02 10.75 13.10
N ASP C 142 -7.24 9.44 13.19
CA ASP C 142 -8.15 8.81 14.15
C ASP C 142 -9.55 9.43 14.07
N PHE C 143 -10.15 9.35 12.89
CA PHE C 143 -11.53 9.76 12.70
C PHE C 143 -12.31 8.66 11.99
N TYR C 144 -13.60 8.57 12.30
CA TYR C 144 -14.49 7.60 11.70
C TYR C 144 -15.88 8.21 11.77
N PRO C 145 -16.65 8.21 10.67
CA PRO C 145 -16.34 7.67 9.34
C PRO C 145 -15.26 8.45 8.58
N GLY C 146 -14.82 7.90 7.45
CA GLY C 146 -13.74 8.50 6.69
C GLY C 146 -14.18 9.52 5.66
N ALA C 147 -14.71 10.65 6.15
CA ALA C 147 -15.11 11.76 5.29
C ALA C 147 -14.80 13.04 6.04
N VAL C 148 -13.81 13.79 5.57
CA VAL C 148 -13.41 15.05 6.19
C VAL C 148 -13.32 16.11 5.11
N THR C 149 -13.56 17.36 5.51
CA THR C 149 -13.40 18.52 4.65
C THR C 149 -12.48 19.50 5.34
N VAL C 150 -11.47 19.98 4.63
CA VAL C 150 -10.43 20.84 5.19
C VAL C 150 -10.54 22.22 4.57
N ALA C 151 -10.50 23.25 5.42
CA ALA C 151 -10.52 24.63 4.99
C ALA C 151 -9.33 25.37 5.59
N TRP C 152 -8.69 26.21 4.79
CA TRP C 152 -7.54 26.99 5.21
C TRP C 152 -7.90 28.46 5.24
N LYS C 153 -7.30 29.19 6.19
CA LYS C 153 -7.58 30.61 6.35
C LYS C 153 -6.29 31.37 6.64
N ALA C 154 -6.08 32.47 5.92
CA ALA C 154 -5.02 33.42 6.19
C ALA C 154 -5.61 34.51 7.08
N ASP C 155 -5.14 34.59 8.33
CA ASP C 155 -5.80 35.39 9.36
C ASP C 155 -7.22 34.88 9.53
N SER C 156 -8.19 35.58 8.92
CA SER C 156 -9.58 35.16 8.96
C SER C 156 -10.21 35.05 7.57
N SER C 157 -9.38 35.03 6.52
CA SER C 157 -9.91 34.96 5.16
C SER C 157 -9.47 33.67 4.47
N PRO C 158 -10.35 33.06 3.67
CA PRO C 158 -10.02 31.76 3.09
C PRO C 158 -8.89 31.85 2.09
N VAL C 159 -8.14 30.76 1.98
CA VAL C 159 -7.09 30.59 0.99
C VAL C 159 -7.44 29.36 0.15
N LYS C 160 -7.52 29.55 -1.16
CA LYS C 160 -7.82 28.47 -2.09
C LYS C 160 -6.59 27.95 -2.83
N ALA C 161 -5.70 28.85 -3.25
CA ALA C 161 -4.50 28.44 -3.97
C ALA C 161 -3.50 27.78 -3.03
N GLY C 162 -2.66 26.91 -3.61
CA GLY C 162 -1.64 26.23 -2.84
C GLY C 162 -2.15 25.18 -1.89
N VAL C 163 -3.43 24.79 -1.99
CA VAL C 163 -4.02 23.81 -1.09
C VAL C 163 -4.05 22.46 -1.79
N GLU C 164 -3.44 21.46 -1.17
CA GLU C 164 -3.45 20.09 -1.67
C GLU C 164 -3.79 19.16 -0.51
N THR C 165 -4.92 18.47 -0.62
CA THR C 165 -5.43 17.60 0.43
C THR C 165 -5.55 16.18 -0.10
N THR C 166 -5.14 15.22 0.72
CA THR C 166 -5.23 13.81 0.36
C THR C 166 -6.66 13.31 0.54
N THR C 167 -6.97 12.21 -0.14
CA THR C 167 -8.20 11.50 0.16
C THR C 167 -8.06 10.75 1.48
N PRO C 168 -9.14 10.61 2.24
CA PRO C 168 -9.08 9.87 3.50
C PRO C 168 -8.61 8.44 3.28
N SER C 169 -7.63 8.03 4.08
CA SER C 169 -6.97 6.75 3.92
C SER C 169 -7.17 5.91 5.17
N LYS C 170 -7.39 4.62 4.95
CA LYS C 170 -7.60 3.70 6.07
C LYS C 170 -6.30 3.49 6.83
N GLN C 171 -6.32 3.75 8.13
CA GLN C 171 -5.18 3.43 8.97
C GLN C 171 -5.16 1.94 9.31
N SER C 172 -4.07 1.51 9.97
CA SER C 172 -3.95 0.11 10.36
C SER C 172 -4.92 -0.24 11.49
N ASN C 173 -5.21 0.71 12.37
CA ASN C 173 -6.13 0.47 13.47
C ASN C 173 -7.57 0.68 12.99
N ASN C 174 -7.78 0.50 11.69
CA ASN C 174 -8.99 0.95 11.00
C ASN C 174 -9.00 2.47 11.13
N LYS C 175 -10.11 3.10 11.55
CA LYS C 175 -10.13 4.54 11.69
C LYS C 175 -9.72 5.17 10.36
N TYR C 176 -9.25 6.42 10.36
CA TYR C 176 -8.93 7.05 9.08
C TYR C 176 -7.87 8.13 9.30
N ALA C 177 -7.19 8.47 8.20
CA ALA C 177 -6.13 9.47 8.20
C ALA C 177 -6.22 10.32 6.95
N ALA C 178 -5.89 11.61 7.11
CA ALA C 178 -5.85 12.54 5.99
C ALA C 178 -4.82 13.62 6.28
N SER C 179 -4.35 14.27 5.22
CA SER C 179 -3.37 15.34 5.34
C SER C 179 -3.66 16.42 4.30
N SER C 180 -3.47 17.67 4.70
CA SER C 180 -3.66 18.81 3.82
C SER C 180 -2.45 19.72 3.91
N TYR C 181 -1.97 20.17 2.76
CA TYR C 181 -0.78 21.02 2.67
C TYR C 181 -1.15 22.36 2.06
N LEU C 182 -0.65 23.43 2.64
CA LEU C 182 -0.80 24.78 2.11
C LEU C 182 0.58 25.31 1.77
N SER C 183 0.83 25.54 0.48
CA SER C 183 2.14 25.99 0.02
C SER C 183 2.15 27.51 -0.08
N LEU C 184 3.11 28.13 0.61
CA LEU C 184 3.26 29.58 0.60
C LEU C 184 4.68 29.95 0.20
N THR C 185 4.85 31.21 -0.16
CA THR C 185 6.18 31.77 -0.19
C THR C 185 6.55 32.30 1.19
N PRO C 186 7.83 32.43 1.50
CA PRO C 186 8.22 32.97 2.81
C PRO C 186 7.68 34.36 3.07
N GLU C 187 7.39 35.13 2.02
CA GLU C 187 6.83 36.47 2.21
C GLU C 187 5.43 36.40 2.81
N GLN C 188 4.55 35.56 2.24
CA GLN C 188 3.19 35.50 2.75
C GLN C 188 3.12 34.90 4.15
N TRP C 189 4.07 34.03 4.50
CA TRP C 189 4.06 33.42 5.83
C TRP C 189 4.26 34.47 6.92
N LYS C 190 5.37 35.20 6.87
CA LYS C 190 5.67 36.19 7.90
C LYS C 190 4.77 37.42 7.82
N SER C 191 4.07 37.64 6.70
CA SER C 191 3.27 38.84 6.56
C SER C 191 1.95 38.79 7.31
N HIS C 192 1.48 37.59 7.68
CA HIS C 192 0.21 37.43 8.33
C HIS C 192 0.38 37.23 9.82
N ARG C 193 -0.73 37.37 10.54
CA ARG C 193 -0.74 37.17 11.97
C ARG C 193 -1.00 35.72 12.35
N SER C 194 -1.82 35.02 11.58
CA SER C 194 -2.19 33.65 11.91
C SER C 194 -2.65 32.93 10.65
N TYR C 195 -2.39 31.62 10.63
CA TYR C 195 -2.90 30.72 9.61
C TYR C 195 -3.64 29.57 10.30
N SER C 196 -4.73 29.12 9.68
CA SER C 196 -5.67 28.23 10.32
C SER C 196 -6.00 27.04 9.42
N CYS C 197 -6.15 25.87 10.03
CA CYS C 197 -6.61 24.66 9.35
C CYS C 197 -7.88 24.19 10.07
N GLN C 198 -9.00 24.22 9.36
CA GLN C 198 -10.29 23.83 9.91
C GLN C 198 -10.70 22.49 9.31
N VAL C 199 -11.07 21.54 10.17
CA VAL C 199 -11.43 20.19 9.75
C VAL C 199 -12.86 19.92 10.20
N THR C 200 -13.74 19.62 9.24
CA THR C 200 -15.13 19.33 9.51
C THR C 200 -15.37 17.82 9.39
N HIS C 201 -15.93 17.23 10.44
CA HIS C 201 -16.18 15.79 10.47
C HIS C 201 -17.51 15.54 11.18
N GLU C 202 -18.45 14.93 10.46
CA GLU C 202 -19.77 14.61 11.00
C GLU C 202 -20.48 15.85 11.54
N GLY C 203 -20.38 16.96 10.80
CA GLY C 203 -21.06 18.18 11.17
C GLY C 203 -20.41 19.00 12.25
N SER C 204 -19.25 18.58 12.76
CA SER C 204 -18.52 19.31 13.78
C SER C 204 -17.13 19.67 13.25
N THR C 205 -16.63 20.83 13.66
CA THR C 205 -15.38 21.37 13.16
C THR C 205 -14.36 21.47 14.28
N VAL C 206 -13.13 21.03 13.98
CA VAL C 206 -11.98 21.21 14.86
C VAL C 206 -10.95 22.05 14.11
N GLU C 207 -10.53 23.15 14.72
CA GLU C 207 -9.68 24.12 14.04
C GLU C 207 -8.43 24.40 14.85
N LYS C 208 -7.28 24.37 14.20
CA LYS C 208 -6.00 24.66 14.83
C LYS C 208 -5.31 25.80 14.08
N THR C 209 -4.64 26.66 14.84
CA THR C 209 -4.03 27.87 14.29
C THR C 209 -2.56 27.93 14.66
N VAL C 210 -1.75 28.46 13.75
CA VAL C 210 -0.33 28.72 14.00
C VAL C 210 -0.02 30.15 13.59
N ALA C 211 1.03 30.70 14.20
CA ALA C 211 1.44 32.07 13.95
C ALA C 211 2.91 32.13 13.60
N PRO C 212 3.31 33.12 12.79
CA PRO C 212 4.73 33.26 12.43
C PRO C 212 5.64 33.42 13.63
N THR C 213 5.18 34.08 14.68
CA THR C 213 5.98 34.28 15.88
C THR C 213 6.27 32.95 16.58
C1 GOL D . 9.49 -26.37 -10.19
O1 GOL D . 10.57 -26.29 -11.06
C2 GOL D . 8.54 -27.43 -10.77
O2 GOL D . 9.22 -28.48 -11.37
C3 GOL D . 7.72 -27.89 -9.56
O3 GOL D . 6.99 -29.00 -9.96
C1 GOL E . 8.39 -26.11 1.99
O1 GOL E . 9.48 -26.00 1.13
C2 GOL E . 8.36 -24.82 2.82
O2 GOL E . 9.03 -23.80 2.17
C3 GOL E . 6.85 -24.50 3.05
O3 GOL E . 6.10 -25.40 2.29
#